data_4R2L
#
_entry.id   4R2L
#
_cell.length_a   132.760
_cell.length_b   132.760
_cell.length_c   32.710
_cell.angle_alpha   90.00
_cell.angle_beta   90.00
_cell.angle_gamma   90.00
#
_symmetry.space_group_name_H-M   'P 43 21 2'
#
loop_
_entity.id
_entity.type
_entity.pdbx_description
1 polymer 'Universal stress protein F'
2 non-polymer 'MAGNESIUM ION'
3 non-polymer "ADENOSINE-5'-TRIPHOSPHATE"
4 non-polymer 'CHLORIDE ION'
5 non-polymer 1,2-ETHANEDIOL
6 water water
#
_entity_poly.entity_id   1
_entity_poly.type   'polypeptide(L)'
_entity_poly.pdbx_seq_one_letter_code
;MRGSHHHHHHGMASMNRTILVPIDISDSELTQRVISHVEAEAKIDDAKVHFLTVIPSLPYYASLGLAYSAELPAMDDLKA
EAKSQLEAIIKKFNLPADRVQAHVAEGSPKDKILEMAKKLPADMVIIASHRPDITTYLLGSNAAAVVRHAECSVLVVR
;
_entity_poly.pdbx_strand_id   A,B
#
loop_
_chem_comp.id
_chem_comp.type
_chem_comp.name
_chem_comp.formula
ATP non-polymer ADENOSINE-5'-TRIPHOSPHATE 'C10 H16 N5 O13 P3'
CL non-polymer 'CHLORIDE ION' 'Cl -1'
EDO non-polymer 1,2-ETHANEDIOL 'C2 H6 O2'
MG non-polymer 'MAGNESIUM ION' 'Mg 2'
#
# COMPACT_ATOMS: atom_id res chain seq x y z
N ASN A 16 6.36 20.58 2.10
CA ASN A 16 5.31 19.66 1.57
C ASN A 16 5.68 18.15 1.65
N ARG A 17 5.10 17.34 0.76
CA ARG A 17 4.97 15.90 1.00
C ARG A 17 6.30 15.11 0.95
N THR A 18 6.41 14.09 1.80
CA THR A 18 7.60 13.24 1.92
C THR A 18 7.25 11.78 1.66
N ILE A 19 7.94 11.17 0.71
CA ILE A 19 7.65 9.78 0.34
C ILE A 19 8.90 8.94 0.65
N LEU A 20 8.71 7.83 1.34
CA LEU A 20 9.75 6.81 1.55
C LEU A 20 9.67 5.58 0.60
N VAL A 21 10.79 5.28 -0.04
CA VAL A 21 10.90 4.23 -1.00
C VAL A 21 12.03 3.31 -0.54
N PRO A 22 11.67 2.25 0.15
CA PRO A 22 12.63 1.25 0.66
C PRO A 22 13.09 0.43 -0.54
N ILE A 23 14.40 0.24 -0.72
CA ILE A 23 14.92 -0.50 -1.83
C ILE A 23 15.82 -1.62 -1.34
N ASP A 24 15.59 -2.82 -1.84
CA ASP A 24 16.46 -3.94 -1.55
C ASP A 24 17.45 -4.05 -2.73
N ILE A 25 18.70 -3.61 -2.54
CA ILE A 25 19.64 -3.59 -3.66
C ILE A 25 19.95 -4.99 -4.22
N SER A 26 19.52 -6.05 -3.53
CA SER A 26 19.75 -7.37 -4.03
C SER A 26 18.80 -7.86 -5.15
N ASP A 27 17.80 -7.09 -5.56
CA ASP A 27 16.89 -7.49 -6.68
C ASP A 27 16.39 -6.39 -7.67
N SER A 28 16.80 -6.45 -8.95
CA SER A 28 16.35 -5.50 -10.05
C SER A 28 14.85 -5.18 -10.20
N GLU A 29 13.99 -6.20 -10.08
CA GLU A 29 12.56 -6.02 -10.34
C GLU A 29 11.79 -5.37 -9.18
N LEU A 30 12.08 -5.77 -7.93
CA LEU A 30 11.43 -5.09 -6.76
C LEU A 30 11.59 -3.58 -6.94
N THR A 31 12.74 -3.15 -7.50
CA THR A 31 12.95 -1.75 -7.93
C THR A 31 12.28 -1.33 -9.23
N GLN A 32 12.57 -2.06 -10.32
CA GLN A 32 12.02 -1.68 -11.61
C GLN A 32 10.46 -1.44 -11.54
N ARG A 33 9.75 -2.17 -10.69
CA ARG A 33 8.25 -2.08 -10.63
C ARG A 33 7.63 -0.73 -10.06
N VAL A 34 8.31 -0.24 -9.02
CA VAL A 34 7.89 0.89 -8.32
C VAL A 34 8.14 2.20 -9.05
N ILE A 35 8.95 2.19 -10.11
CA ILE A 35 9.43 3.44 -10.71
C ILE A 35 8.29 4.36 -11.12
N SER A 36 7.41 3.86 -11.96
CA SER A 36 6.36 4.71 -12.47
C SER A 36 5.45 5.19 -11.34
N HIS A 37 5.22 4.35 -10.33
CA HIS A 37 4.40 4.77 -9.17
C HIS A 37 5.04 5.86 -8.33
N VAL A 38 6.34 5.76 -8.10
CA VAL A 38 7.07 6.74 -7.30
C VAL A 38 7.11 8.09 -8.03
N GLU A 39 7.30 8.05 -9.34
CA GLU A 39 7.35 9.25 -10.16
C GLU A 39 5.99 9.96 -10.13
N ALA A 40 4.94 9.18 -10.30
CA ALA A 40 3.57 9.69 -10.37
C ALA A 40 3.19 10.30 -9.03
N GLU A 41 3.52 9.59 -7.95
CA GLU A 41 3.17 10.09 -6.60
C GLU A 41 3.97 11.37 -6.32
N ALA A 42 5.21 11.41 -6.78
CA ALA A 42 6.06 12.57 -6.56
C ALA A 42 5.54 13.78 -7.33
N LYS A 43 5.12 13.59 -8.58
CA LYS A 43 4.72 14.72 -9.46
C LYS A 43 3.45 15.42 -9.00
N ILE A 44 2.59 14.67 -8.32
CA ILE A 44 1.33 15.23 -7.78
C ILE A 44 1.60 16.63 -7.17
N ASP A 45 2.65 16.76 -6.35
CA ASP A 45 2.91 17.99 -5.59
C ASP A 45 4.39 18.21 -5.25
N ASP A 46 5.27 17.81 -6.16
CA ASP A 46 6.73 17.96 -6.00
C ASP A 46 7.26 17.50 -4.62
N ALA A 47 6.91 16.27 -4.25
CA ALA A 47 7.33 15.69 -2.99
C ALA A 47 8.84 15.39 -2.96
N LYS A 48 9.42 15.40 -1.76
CA LYS A 48 10.76 14.86 -1.52
C LYS A 48 10.69 13.34 -1.36
N VAL A 49 11.60 12.65 -2.04
CA VAL A 49 11.60 11.20 -2.06
C VAL A 49 12.88 10.71 -1.39
N HIS A 50 12.67 9.99 -0.30
CA HIS A 50 13.73 9.36 0.46
C HIS A 50 13.82 7.88 0.11
N PHE A 51 14.99 7.43 -0.34
CA PHE A 51 15.21 6.02 -0.67
C PHE A 51 16.07 5.41 0.42
N LEU A 52 15.66 4.25 0.91
CA LEU A 52 16.37 3.58 2.00
C LEU A 52 16.67 2.14 1.67
N THR A 53 17.94 1.75 1.80
CA THR A 53 18.31 0.35 1.75
C THR A 53 18.84 -0.05 3.10
N VAL A 54 18.46 -1.25 3.50
CA VAL A 54 18.84 -1.76 4.82
C VAL A 54 19.70 -2.99 4.67
N ILE A 55 20.87 -2.94 5.33
CA ILE A 55 21.81 -4.06 5.35
C ILE A 55 21.40 -4.94 6.51
N PRO A 56 20.93 -6.15 6.22
CA PRO A 56 20.29 -6.85 7.33
C PRO A 56 21.24 -7.45 8.36
N SER A 57 20.81 -7.41 9.61
CA SER A 57 21.60 -8.00 10.69
C SER A 57 21.47 -9.51 10.58
N LEU A 58 22.49 -10.23 11.05
CA LEU A 58 22.69 -11.67 10.78
C LEU A 58 22.75 -12.51 12.04
N PRO A 59 21.66 -12.47 12.84
CA PRO A 59 21.72 -13.07 14.18
C PRO A 59 22.19 -14.52 14.17
N TYR A 60 21.62 -15.30 13.25
CA TYR A 60 21.96 -16.73 13.16
C TYR A 60 23.44 -16.95 12.80
N TYR A 61 23.90 -16.30 11.74
CA TYR A 61 25.31 -16.41 11.37
C TYR A 61 26.21 -15.96 12.48
N ALA A 62 25.77 -14.91 13.17
CA ALA A 62 26.41 -14.52 14.43
C ALA A 62 26.59 -15.74 15.32
N SER A 63 25.52 -16.51 15.59
CA SER A 63 25.64 -17.67 16.52
CA SER A 63 25.62 -17.66 16.50
C SER A 63 26.59 -18.76 16.01
N LEU A 64 26.81 -18.81 14.69
CA LEU A 64 27.80 -19.71 14.09
C LEU A 64 29.19 -19.10 14.11
N GLY A 65 29.35 -18.00 14.83
CA GLY A 65 30.66 -17.37 14.98
C GLY A 65 31.08 -16.46 13.84
N LEU A 66 30.10 -15.97 13.04
CA LEU A 66 30.37 -15.04 11.91
C LEU A 66 29.97 -13.59 12.20
N ALA A 67 30.96 -12.70 12.16
CA ALA A 67 30.76 -11.30 12.51
C ALA A 67 31.12 -10.37 11.34
N SER A 69 35.58 -14.54 16.53
CA SER A 69 36.24 -15.69 15.94
C SER A 69 36.29 -15.58 14.42
N ALA A 70 35.12 -15.62 13.79
CA ALA A 70 35.01 -15.58 12.33
C ALA A 70 34.53 -14.21 11.83
N GLU A 71 34.76 -13.96 10.53
CA GLU A 71 34.78 -12.59 9.99
C GLU A 71 33.94 -12.37 8.73
N LEU A 72 33.10 -11.33 8.80
CA LEU A 72 32.50 -10.68 7.65
C LEU A 72 33.18 -9.30 7.52
N PRO A 73 33.01 -8.57 6.38
CA PRO A 73 33.65 -7.23 6.19
C PRO A 73 33.19 -6.19 7.19
N ALA A 74 33.93 -5.08 7.27
CA ALA A 74 33.55 -3.97 8.16
C ALA A 74 32.19 -3.39 7.75
N MET A 75 31.33 -3.12 8.72
CA MET A 75 30.04 -2.49 8.43
C MET A 75 30.21 -1.14 7.71
N ASP A 76 31.21 -0.36 8.11
CA ASP A 76 31.47 0.90 7.41
C ASP A 76 31.64 0.70 5.91
N ASP A 77 32.37 -0.37 5.52
CA ASP A 77 32.56 -0.67 4.10
C ASP A 77 31.30 -1.26 3.47
N LEU A 78 30.56 -2.07 4.21
CA LEU A 78 29.34 -2.64 3.67
C LEU A 78 28.37 -1.51 3.34
N LYS A 79 28.22 -0.55 4.26
CA LYS A 79 27.31 0.60 4.03
C LYS A 79 27.74 1.47 2.84
N ALA A 80 29.04 1.74 2.72
CA ALA A 80 29.57 2.55 1.60
C ALA A 80 29.24 1.87 0.26
N GLU A 81 29.47 0.56 0.22
CA GLU A 81 29.08 -0.23 -0.93
C GLU A 81 27.58 -0.24 -1.20
N ALA A 82 26.78 -0.46 -0.17
CA ALA A 82 25.31 -0.52 -0.36
C ALA A 82 24.84 0.85 -0.84
N LYS A 83 25.43 1.92 -0.28
CA LYS A 83 25.10 3.25 -0.71
C LYS A 83 25.44 3.52 -2.16
N SER A 84 26.60 3.07 -2.63
CA SER A 84 26.96 3.29 -4.01
CA SER A 84 26.95 3.29 -4.02
C SER A 84 25.94 2.58 -4.94
N GLN A 85 25.50 1.40 -4.56
CA GLN A 85 24.53 0.69 -5.42
C GLN A 85 23.16 1.33 -5.39
N LEU A 86 22.75 1.79 -4.22
CA LEU A 86 21.51 2.50 -4.10
C LEU A 86 21.51 3.73 -4.95
N GLU A 87 22.59 4.48 -4.89
CA GLU A 87 22.71 5.69 -5.69
C GLU A 87 22.50 5.42 -7.20
N ALA A 88 22.99 4.29 -7.69
CA ALA A 88 22.81 3.96 -9.11
C ALA A 88 21.32 3.69 -9.35
N ILE A 89 20.67 3.00 -8.43
CA ILE A 89 19.23 2.68 -8.54
C ILE A 89 18.36 3.93 -8.50
N ILE A 90 18.70 4.86 -7.64
CA ILE A 90 17.97 6.12 -7.55
C ILE A 90 17.96 6.86 -8.87
N LYS A 91 19.07 6.84 -9.62
CA LYS A 91 19.12 7.52 -10.89
C LYS A 91 18.17 6.97 -11.97
N LYS A 92 17.69 5.77 -11.76
CA LYS A 92 16.65 5.19 -12.60
C LYS A 92 15.27 5.89 -12.44
N PHE A 93 15.10 6.69 -11.39
CA PHE A 93 13.86 7.45 -11.19
C PHE A 93 14.00 8.84 -11.80
N ASN A 94 13.03 9.24 -12.62
CA ASN A 94 13.05 10.60 -13.18
C ASN A 94 12.55 11.62 -12.16
N LEU A 95 13.48 12.10 -11.33
CA LEU A 95 13.16 13.00 -10.22
C LEU A 95 14.23 14.09 -10.16
N PRO A 96 13.85 15.31 -9.80
CA PRO A 96 14.89 16.32 -9.67
C PRO A 96 15.86 15.97 -8.54
N ALA A 97 17.15 16.22 -8.77
CA ALA A 97 18.22 15.87 -7.80
C ALA A 97 18.00 16.48 -6.41
N ASP A 98 17.37 17.65 -6.32
CA ASP A 98 17.06 18.30 -5.03
C ASP A 98 15.83 17.74 -4.33
N ARG A 99 15.07 16.85 -4.98
CA ARG A 99 13.90 16.20 -4.34
C ARG A 99 14.16 14.73 -3.98
N VAL A 100 15.44 14.36 -3.94
CA VAL A 100 15.82 12.98 -3.66
C VAL A 100 16.94 12.90 -2.64
N GLN A 101 16.90 11.84 -1.83
CA GLN A 101 17.93 11.58 -0.83
C GLN A 101 18.10 10.07 -0.62
N ALA A 102 19.36 9.64 -0.55
CA ALA A 102 19.76 8.23 -0.33
C ALA A 102 20.11 7.97 1.15
N HIS A 103 19.63 6.86 1.66
CA HIS A 103 19.90 6.41 3.05
C HIS A 103 20.26 4.95 3.10
N VAL A 104 21.24 4.65 3.94
CA VAL A 104 21.54 3.29 4.25
C VAL A 104 21.44 3.12 5.77
N ALA A 105 20.86 1.99 6.16
CA ALA A 105 20.79 1.64 7.55
C ALA A 105 21.20 0.20 7.70
N GLU A 106 21.34 -0.23 8.94
CA GLU A 106 21.68 -1.59 9.35
C GLU A 106 20.57 -2.13 10.29
N GLY A 107 20.14 -3.37 10.11
CA GLY A 107 19.08 -3.96 10.96
C GLY A 107 18.10 -4.83 10.21
N SER A 108 16.94 -5.10 10.83
CA SER A 108 15.87 -5.71 10.14
C SER A 108 15.28 -4.68 9.22
N PRO A 109 15.03 -5.06 7.95
CA PRO A 109 14.48 -4.13 6.99
C PRO A 109 13.20 -3.49 7.46
N LYS A 110 12.25 -4.28 7.94
CA LYS A 110 11.02 -3.72 8.40
C LYS A 110 11.21 -2.73 9.57
N ASP A 111 12.09 -3.04 10.52
CA ASP A 111 12.39 -2.16 11.68
C ASP A 111 12.89 -0.79 11.20
N LYS A 112 13.86 -0.80 10.30
CA LYS A 112 14.48 0.42 9.88
C LYS A 112 13.63 1.24 8.94
N ILE A 113 12.86 0.56 8.09
CA ILE A 113 11.85 1.21 7.29
C ILE A 113 10.81 1.94 8.14
N LEU A 114 10.26 1.26 9.11
CA LEU A 114 9.25 1.83 10.02
C LEU A 114 9.84 2.97 10.85
N GLU A 115 11.06 2.79 11.34
CA GLU A 115 11.77 3.84 12.08
CA GLU A 115 11.74 3.84 12.08
C GLU A 115 11.87 5.10 11.23
N MET A 116 12.28 4.93 9.97
CA MET A 116 12.50 6.10 9.12
CA MET A 116 12.50 6.07 9.08
C MET A 116 11.17 6.74 8.73
N ALA A 117 10.17 5.92 8.50
CA ALA A 117 8.85 6.42 8.20
C ALA A 117 8.34 7.33 9.31
N LYS A 118 8.65 6.96 10.56
CA LYS A 118 8.28 7.76 11.73
C LYS A 118 9.15 8.99 11.91
N LYS A 119 10.45 8.85 11.68
CA LYS A 119 11.42 9.91 11.94
C LYS A 119 11.25 11.07 10.95
N LEU A 120 10.98 10.77 9.68
CA LEU A 120 10.99 11.83 8.66
C LEU A 120 10.07 13.04 8.94
N PRO A 121 8.75 12.81 9.11
CA PRO A 121 7.98 11.60 8.89
C PRO A 121 7.55 11.43 7.42
N ALA A 122 7.39 10.18 6.99
CA ALA A 122 6.85 9.83 5.66
C ALA A 122 5.32 10.06 5.62
N ASP A 123 4.84 10.63 4.51
CA ASP A 123 3.42 10.70 4.22
C ASP A 123 2.97 9.46 3.45
N MET A 124 3.88 8.73 2.87
CA MET A 124 3.56 7.53 2.14
C MET A 124 4.81 6.71 2.06
N VAL A 125 4.67 5.39 2.13
CA VAL A 125 5.74 4.46 1.93
C VAL A 125 5.35 3.66 0.66
N ILE A 126 6.21 3.58 -0.31
CA ILE A 126 5.93 2.82 -1.54
C ILE A 126 6.86 1.62 -1.61
N ILE A 127 6.22 0.43 -1.61
CA ILE A 127 6.94 -0.84 -1.53
CA ILE A 127 6.92 -0.83 -1.48
C ILE A 127 6.38 -1.86 -2.50
N ALA A 128 7.22 -2.79 -2.95
CA ALA A 128 6.74 -3.92 -3.73
C ALA A 128 6.14 -5.00 -2.78
N SER A 129 5.24 -5.79 -3.31
CA SER A 129 4.56 -6.85 -2.55
C SER A 129 5.52 -7.92 -2.05
N HIS A 130 6.44 -8.31 -2.92
CA HIS A 130 7.37 -9.42 -2.64
C HIS A 130 8.31 -9.57 -3.79
N ARG A 131 9.30 -10.45 -3.65
CA ARG A 131 10.15 -10.80 -4.78
C ARG A 131 9.47 -11.56 -5.89
N PRO A 132 9.67 -11.09 -7.14
CA PRO A 132 8.99 -11.72 -8.29
C PRO A 132 9.10 -13.25 -8.34
N ASP A 133 10.33 -13.74 -8.31
CA ASP A 133 10.65 -15.15 -8.60
C ASP A 133 10.01 -16.13 -7.59
N ILE A 134 9.58 -15.61 -6.46
CA ILE A 134 8.87 -16.46 -5.49
C ILE A 134 7.38 -16.04 -5.45
N THR A 135 6.51 -16.98 -5.83
CA THR A 135 5.07 -16.72 -5.95
C THR A 135 4.28 -17.01 -4.63
N THR A 136 4.68 -18.07 -3.93
CA THR A 136 3.96 -18.67 -2.78
C THR A 136 3.36 -17.72 -1.75
N TYR A 137 4.18 -16.80 -1.28
CA TYR A 137 3.72 -15.84 -0.34
C TYR A 137 3.24 -14.61 -1.08
N LEU A 138 2.01 -14.30 -0.82
CA LEU A 138 1.41 -13.15 -1.50
C LEU A 138 1.90 -11.82 -1.06
N LEU A 139 2.42 -11.73 0.19
CA LEU A 139 3.10 -10.58 0.72
C LEU A 139 4.39 -11.04 1.37
N GLY A 140 5.47 -10.37 1.07
CA GLY A 140 6.75 -10.64 1.72
C GLY A 140 6.74 -10.17 3.16
N SER A 141 7.65 -10.73 3.96
CA SER A 141 7.68 -10.40 5.36
C SER A 141 7.83 -8.91 5.67
N ASN A 142 8.59 -8.17 4.86
CA ASN A 142 8.78 -6.75 5.12
C ASN A 142 7.58 -5.90 4.67
N ALA A 143 7.05 -6.24 3.51
CA ALA A 143 5.91 -5.60 2.99
C ALA A 143 4.76 -5.79 3.93
N ALA A 144 4.61 -7.00 4.47
CA ALA A 144 3.46 -7.29 5.35
C ALA A 144 3.55 -6.44 6.63
N ALA A 145 4.76 -6.35 7.20
CA ALA A 145 4.96 -5.63 8.44
C ALA A 145 4.77 -4.12 8.28
N VAL A 146 5.27 -3.59 7.18
CA VAL A 146 5.22 -2.21 6.86
C VAL A 146 3.78 -1.80 6.63
N VAL A 147 3.04 -2.59 5.84
CA VAL A 147 1.63 -2.28 5.64
C VAL A 147 0.88 -2.23 6.96
N ARG A 148 1.13 -3.21 7.83
CA ARG A 148 0.40 -3.29 9.07
C ARG A 148 0.78 -2.17 10.04
N HIS A 149 2.08 -1.90 10.15
CA HIS A 149 2.65 -1.11 11.25
C HIS A 149 2.92 0.37 10.91
N ALA A 150 2.93 0.72 9.64
CA ALA A 150 3.23 2.13 9.27
C ALA A 150 2.14 3.02 9.85
N GLU A 151 2.49 4.23 10.27
CA GLU A 151 1.49 5.17 10.73
C GLU A 151 0.90 5.96 9.56
N CYS A 152 1.49 5.81 8.35
CA CYS A 152 1.10 6.60 7.19
C CYS A 152 0.59 5.67 6.13
N SER A 153 0.12 6.28 5.05
CA SER A 153 -0.32 5.48 3.91
C SER A 153 0.75 4.58 3.33
N VAL A 154 0.36 3.39 2.85
CA VAL A 154 1.36 2.46 2.30
C VAL A 154 0.83 1.96 0.96
N LEU A 155 1.59 2.18 -0.11
CA LEU A 155 1.22 1.72 -1.45
C LEU A 155 2.00 0.46 -1.73
N VAL A 156 1.28 -0.66 -1.83
CA VAL A 156 1.85 -1.96 -2.20
C VAL A 156 1.75 -2.17 -3.70
N VAL A 157 2.92 -2.21 -4.37
CA VAL A 157 2.97 -2.24 -5.78
C VAL A 157 3.04 -3.66 -6.32
N ARG A 158 2.20 -3.95 -7.27
CA ARG A 158 2.23 -5.22 -7.99
C ARG A 158 2.24 -4.96 -9.46
N ASN B 16 -7.53 3.24 -20.51
CA ASN B 16 -6.40 3.29 -19.51
C ASN B 16 -6.82 2.75 -18.11
N ARG B 17 -6.33 3.35 -17.03
CA ARG B 17 -6.41 2.73 -15.73
C ARG B 17 -7.81 2.66 -15.13
N THR B 18 -7.99 1.61 -14.33
CA THR B 18 -9.21 1.36 -13.54
C THR B 18 -8.89 1.27 -12.10
N ILE B 19 -9.58 2.10 -11.31
CA ILE B 19 -9.39 2.17 -9.88
C ILE B 19 -10.66 1.69 -9.18
N LEU B 20 -10.47 0.74 -8.29
CA LEU B 20 -11.55 0.25 -7.45
C LEU B 20 -11.45 0.91 -6.07
N VAL B 21 -12.58 1.45 -5.61
CA VAL B 21 -12.70 2.16 -4.33
C VAL B 21 -13.82 1.52 -3.51
N PRO B 22 -13.48 0.53 -2.68
CA PRO B 22 -14.49 -0.07 -1.80
C PRO B 22 -14.94 0.88 -0.71
N ILE B 23 -16.26 1.10 -0.55
CA ILE B 23 -16.73 2.02 0.43
C ILE B 23 -17.61 1.30 1.44
N ASP B 24 -17.37 1.50 2.74
CA ASP B 24 -18.25 1.02 3.77
C ASP B 24 -19.15 2.21 4.05
N ILE B 25 -20.36 2.15 3.57
CA ILE B 25 -21.28 3.25 3.74
C ILE B 25 -21.64 3.61 5.19
N SER B 26 -21.37 2.72 6.12
CA SER B 26 -21.68 2.95 7.52
C SER B 26 -20.65 3.73 8.31
N ASP B 27 -19.47 3.96 7.73
CA ASP B 27 -18.40 4.68 8.40
C ASP B 27 -17.92 5.94 7.65
N SER B 28 -18.30 7.11 8.14
CA SER B 28 -17.97 8.36 7.42
C SER B 28 -16.44 8.58 7.33
N GLU B 29 -15.71 8.14 8.34
CA GLU B 29 -14.30 8.50 8.43
C GLU B 29 -13.52 7.63 7.45
N LEU B 30 -13.88 6.34 7.32
CA LEU B 30 -13.19 5.46 6.37
C LEU B 30 -13.29 6.04 4.96
N THR B 31 -14.46 6.65 4.69
CA THR B 31 -14.73 7.20 3.38
C THR B 31 -14.06 8.53 3.19
N GLN B 32 -14.21 9.44 4.17
CA GLN B 32 -13.61 10.80 4.09
C GLN B 32 -12.10 10.68 3.94
N ARG B 33 -11.51 9.70 4.62
CA ARG B 33 -10.06 9.55 4.62
C ARG B 33 -9.40 9.31 3.21
N VAL B 34 -10.08 8.64 2.30
CA VAL B 34 -9.49 8.31 1.03
C VAL B 34 -9.75 9.31 -0.08
N ILE B 35 -10.54 10.33 0.23
CA ILE B 35 -11.01 11.22 -0.81
C ILE B 35 -9.85 11.83 -1.59
N SER B 36 -8.90 12.45 -0.88
CA SER B 36 -7.79 13.12 -1.56
C SER B 36 -6.96 12.11 -2.42
N HIS B 37 -6.72 10.92 -1.90
CA HIS B 37 -5.97 9.89 -2.63
C HIS B 37 -6.67 9.40 -3.89
N VAL B 38 -7.95 9.20 -3.80
CA VAL B 38 -8.73 8.78 -5.00
C VAL B 38 -8.70 9.88 -6.06
N GLU B 39 -8.95 11.10 -5.63
CA GLU B 39 -8.96 12.21 -6.55
C GLU B 39 -7.61 12.30 -7.20
N ALA B 40 -6.54 12.14 -6.42
CA ALA B 40 -5.19 12.30 -7.00
C ALA B 40 -4.89 11.17 -7.97
N GLU B 41 -5.20 9.96 -7.56
CA GLU B 41 -4.86 8.80 -8.34
C GLU B 41 -5.59 8.78 -9.67
N ALA B 42 -6.86 9.17 -9.66
CA ALA B 42 -7.62 9.33 -10.88
C ALA B 42 -7.05 10.34 -11.90
N LYS B 43 -6.59 11.48 -11.40
CA LYS B 43 -6.16 12.61 -12.23
C LYS B 43 -4.84 12.33 -12.92
N ILE B 44 -4.01 11.45 -12.33
CA ILE B 44 -2.72 11.06 -12.94
C ILE B 44 -2.90 10.74 -14.42
N ASP B 45 -3.93 9.94 -14.72
CA ASP B 45 -4.19 9.57 -16.11
C ASP B 45 -5.66 9.50 -16.50
N ASP B 46 -6.52 10.24 -15.83
CA ASP B 46 -7.93 10.25 -16.16
C ASP B 46 -8.51 8.82 -16.08
N ALA B 47 -8.25 8.16 -14.96
CA ALA B 47 -8.68 6.80 -14.74
C ALA B 47 -10.20 6.66 -14.62
N LYS B 48 -10.72 5.46 -14.89
CA LYS B 48 -12.11 5.12 -14.53
C LYS B 48 -12.15 4.69 -13.06
N VAL B 49 -13.11 5.21 -12.28
CA VAL B 49 -13.19 4.90 -10.87
C VAL B 49 -14.46 4.13 -10.61
N HIS B 50 -14.31 2.96 -10.05
CA HIS B 50 -15.43 2.15 -9.60
C HIS B 50 -15.52 2.10 -8.12
N PHE B 51 -16.69 2.48 -7.60
CA PHE B 51 -16.97 2.45 -6.21
C PHE B 51 -17.85 1.24 -5.97
N LEU B 52 -17.55 0.52 -4.89
CA LEU B 52 -18.30 -0.69 -4.51
C LEU B 52 -18.61 -0.68 -3.02
N THR B 53 -19.88 -0.87 -2.69
CA THR B 53 -20.25 -1.17 -1.31
C THR B 53 -20.91 -2.56 -1.22
N VAL B 54 -20.57 -3.28 -0.14
CA VAL B 54 -20.95 -4.66 0.03
C VAL B 54 -21.81 -4.86 1.28
N ILE B 55 -23.00 -5.39 1.08
CA ILE B 55 -23.96 -5.68 2.17
C ILE B 55 -23.56 -7.03 2.75
N PRO B 56 -23.12 -7.04 4.02
CA PRO B 56 -22.60 -8.31 4.52
C PRO B 56 -23.57 -9.47 4.63
N SER B 57 -23.03 -10.66 4.35
CA SER B 57 -23.66 -11.94 4.68
C SER B 57 -23.66 -12.18 6.20
N LEU B 58 -24.73 -12.78 6.66
CA LEU B 58 -24.99 -13.02 8.07
C LEU B 58 -25.17 -14.50 8.35
N PRO B 59 -24.16 -15.32 8.02
CA PRO B 59 -24.34 -16.76 8.22
C PRO B 59 -24.62 -17.13 9.67
N TYR B 60 -24.07 -16.41 10.65
CA TYR B 60 -24.37 -16.74 12.08
C TYR B 60 -25.86 -16.54 12.34
N TYR B 61 -26.38 -15.38 11.94
CA TYR B 61 -27.81 -15.12 12.09
C TYR B 61 -28.65 -16.18 11.39
N ALA B 62 -28.22 -16.64 10.22
CA ALA B 62 -28.94 -17.73 9.53
C ALA B 62 -29.09 -18.98 10.40
N SER B 63 -28.04 -19.29 11.16
CA SER B 63 -28.07 -20.39 12.13
C SER B 63 -29.07 -20.20 13.28
N LEU B 64 -29.36 -18.95 13.66
CA LEU B 64 -30.36 -18.73 14.72
C LEU B 64 -31.78 -18.69 14.17
N GLY B 65 -31.94 -18.65 12.84
CA GLY B 65 -33.26 -18.73 12.22
C GLY B 65 -33.70 -17.39 11.68
N PRO B 73 -35.39 -6.53 5.84
CA PRO B 73 -36.33 -6.55 4.71
C PRO B 73 -35.72 -7.27 3.53
N ALA B 74 -36.34 -7.11 2.36
CA ALA B 74 -35.89 -7.74 1.11
C ALA B 74 -34.49 -7.27 0.77
N MET B 75 -33.68 -8.17 0.21
CA MET B 75 -32.33 -7.81 -0.23
C MET B 75 -32.40 -6.79 -1.38
N ASP B 76 -33.35 -7.00 -2.29
CA ASP B 76 -33.67 -6.02 -3.32
C ASP B 76 -33.72 -4.63 -2.72
N ASP B 77 -34.44 -4.50 -1.61
CA ASP B 77 -34.66 -3.22 -0.96
C ASP B 77 -33.38 -2.73 -0.29
N LEU B 78 -32.63 -3.63 0.36
CA LEU B 78 -31.41 -3.22 1.03
C LEU B 78 -30.39 -2.73 0.03
N LYS B 79 -30.33 -3.41 -1.13
CA LYS B 79 -29.42 -3.03 -2.20
C LYS B 79 -29.71 -1.65 -2.74
N ALA B 80 -30.98 -1.34 -2.94
CA ALA B 80 -31.39 -0.01 -3.42
C ALA B 80 -31.05 1.09 -2.39
N GLU B 81 -31.28 0.84 -1.10
CA GLU B 81 -30.87 1.79 -0.08
C GLU B 81 -29.35 2.01 -0.06
N ALA B 82 -28.58 0.93 -0.10
CA ALA B 82 -27.09 1.01 -0.16
C ALA B 82 -26.58 1.76 -1.39
N LYS B 83 -27.17 1.50 -2.56
CA LYS B 83 -26.85 2.19 -3.80
C LYS B 83 -27.12 3.67 -3.63
N SER B 84 -28.28 4.01 -3.09
CA SER B 84 -28.64 5.37 -2.83
C SER B 84 -27.60 6.04 -1.90
N GLN B 85 -27.15 5.34 -0.86
CA GLN B 85 -26.21 5.98 0.07
C GLN B 85 -24.83 6.09 -0.56
N LEU B 86 -24.47 5.14 -1.39
CA LEU B 86 -23.17 5.19 -2.06
C LEU B 86 -23.15 6.34 -3.05
N GLU B 87 -24.24 6.52 -3.77
CA GLU B 87 -24.34 7.64 -4.73
C GLU B 87 -24.18 9.01 -4.02
N ALA B 88 -24.76 9.16 -2.84
CA ALA B 88 -24.57 10.38 -2.08
C ALA B 88 -23.09 10.55 -1.66
N ILE B 89 -22.43 9.47 -1.27
CA ILE B 89 -21.01 9.49 -0.90
C ILE B 89 -20.10 9.88 -2.06
N ILE B 90 -20.45 9.41 -3.26
CA ILE B 90 -19.66 9.71 -4.43
C ILE B 90 -19.63 11.22 -4.72
N LYS B 91 -20.71 11.94 -4.39
CA LYS B 91 -20.76 13.42 -4.47
C LYS B 91 -19.74 14.18 -3.57
N LYS B 92 -19.08 13.49 -2.66
CA LYS B 92 -17.99 14.08 -1.84
C LYS B 92 -16.63 14.01 -2.58
N PHE B 93 -16.58 13.36 -3.75
CA PHE B 93 -15.36 13.26 -4.59
C PHE B 93 -15.40 14.13 -5.84
N ASN B 94 -14.31 14.83 -6.13
CA ASN B 94 -14.24 15.55 -7.36
C ASN B 94 -13.70 14.60 -8.42
N LEU B 95 -14.61 14.04 -9.21
CA LEU B 95 -14.24 13.11 -10.27
C LEU B 95 -15.13 13.38 -11.47
N PRO B 96 -14.63 13.16 -12.68
CA PRO B 96 -15.53 13.42 -13.82
C PRO B 96 -16.72 12.42 -13.83
N ALA B 97 -17.93 12.92 -14.06
CA ALA B 97 -19.11 12.09 -13.90
C ALA B 97 -19.09 10.89 -14.85
N ASP B 98 -18.46 11.06 -16.01
CA ASP B 98 -18.42 10.04 -17.06
C ASP B 98 -17.39 8.94 -16.84
N ARG B 99 -16.57 9.11 -15.80
CA ARG B 99 -15.48 8.22 -15.45
C ARG B 99 -15.78 7.47 -14.16
N VAL B 100 -16.99 7.59 -13.66
CA VAL B 100 -17.36 7.02 -12.39
C VAL B 100 -18.49 6.03 -12.53
N GLN B 101 -18.39 4.93 -11.78
CA GLN B 101 -19.45 3.96 -11.70
C GLN B 101 -19.68 3.49 -10.25
N ALA B 102 -20.95 3.34 -9.86
CA ALA B 102 -21.25 2.78 -8.53
C ALA B 102 -21.79 1.35 -8.57
N HIS B 103 -21.43 0.55 -7.59
CA HIS B 103 -21.82 -0.82 -7.54
C HIS B 103 -22.19 -1.22 -6.13
N VAL B 104 -23.18 -2.09 -6.02
CA VAL B 104 -23.55 -2.67 -4.75
C VAL B 104 -23.49 -4.19 -4.91
N ALA B 105 -22.98 -4.87 -3.89
CA ALA B 105 -22.89 -6.32 -3.91
C ALA B 105 -23.36 -6.82 -2.56
N GLU B 106 -23.60 -8.12 -2.47
CA GLU B 106 -23.93 -8.78 -1.22
C GLU B 106 -22.89 -9.88 -0.93
N GLY B 107 -22.43 -9.99 0.31
CA GLY B 107 -21.48 -11.09 0.68
C GLY B 107 -20.47 -10.65 1.70
N SER B 108 -19.36 -11.40 1.86
CA SER B 108 -18.26 -10.93 2.63
C SER B 108 -17.61 -9.76 1.83
N PRO B 109 -17.35 -8.61 2.45
CA PRO B 109 -16.74 -7.51 1.73
C PRO B 109 -15.45 -7.83 1.03
N LYS B 110 -14.51 -8.50 1.72
CA LYS B 110 -13.28 -8.83 1.07
C LYS B 110 -13.55 -9.73 -0.16
N ASP B 111 -14.48 -10.64 -0.07
CA ASP B 111 -14.73 -11.60 -1.21
C ASP B 111 -15.17 -10.77 -2.40
N LYS B 112 -16.14 -9.88 -2.18
CA LYS B 112 -16.72 -9.20 -3.32
C LYS B 112 -15.77 -8.12 -3.87
N ILE B 113 -14.96 -7.49 -3.02
CA ILE B 113 -13.89 -6.58 -3.43
C ILE B 113 -12.86 -7.26 -4.30
N LEU B 114 -12.37 -8.41 -3.83
CA LEU B 114 -11.42 -9.13 -4.60
C LEU B 114 -12.00 -9.65 -5.89
N GLU B 115 -13.26 -10.09 -5.88
CA GLU B 115 -13.85 -10.61 -7.08
C GLU B 115 -13.95 -9.42 -8.13
N MET B 116 -14.38 -8.25 -7.68
CA MET B 116 -14.54 -7.13 -8.62
CA MET B 116 -14.54 -7.09 -8.57
C MET B 116 -13.19 -6.64 -9.11
N ALA B 117 -12.17 -6.71 -8.26
CA ALA B 117 -10.82 -6.34 -8.67
C ALA B 117 -10.35 -7.22 -9.80
N LYS B 118 -10.70 -8.51 -9.76
CA LYS B 118 -10.32 -9.43 -10.86
C LYS B 118 -11.17 -9.26 -12.09
N LYS B 119 -12.45 -8.96 -11.91
CA LYS B 119 -13.40 -8.92 -13.01
C LYS B 119 -13.26 -7.62 -13.82
N LEU B 120 -12.95 -6.49 -13.19
CA LEU B 120 -12.91 -5.22 -13.94
C LEU B 120 -11.96 -5.24 -15.17
N PRO B 121 -10.69 -5.65 -15.00
CA PRO B 121 -9.94 -5.82 -13.79
C PRO B 121 -9.43 -4.44 -13.29
N ALA B 122 -9.18 -4.35 -11.99
CA ALA B 122 -8.60 -3.16 -11.41
C ALA B 122 -7.07 -3.11 -11.52
N ASP B 123 -6.56 -1.89 -11.72
CA ASP B 123 -5.13 -1.62 -11.70
C ASP B 123 -4.71 -1.15 -10.30
N MET B 124 -5.64 -0.62 -9.53
CA MET B 124 -5.37 -0.24 -8.15
C MET B 124 -6.64 -0.35 -7.32
N VAL B 125 -6.48 -0.75 -6.05
CA VAL B 125 -7.55 -0.71 -5.10
C VAL B 125 -7.15 0.26 -4.04
N ILE B 126 -8.02 1.18 -3.72
CA ILE B 126 -7.75 2.20 -2.67
C ILE B 126 -8.65 1.97 -1.52
N ILE B 127 -8.07 1.68 -0.34
CA ILE B 127 -8.80 1.25 0.87
CA ILE B 127 -8.80 1.21 0.84
C ILE B 127 -8.23 1.95 2.10
N ALA B 128 -9.06 2.22 3.11
CA ALA B 128 -8.53 2.73 4.34
C ALA B 128 -8.04 1.51 5.14
N SER B 129 -7.18 1.78 6.11
CA SER B 129 -6.52 0.72 6.89
C SER B 129 -7.50 -0.07 7.77
N HIS B 130 -8.34 0.67 8.51
CA HIS B 130 -9.16 0.12 9.64
C HIS B 130 -9.94 1.25 10.28
N ARG B 131 -10.94 0.92 11.06
CA ARG B 131 -11.60 1.93 11.89
C ARG B 131 -10.81 2.23 13.13
N PRO B 132 -10.25 3.45 13.25
CA PRO B 132 -9.38 3.64 14.38
C PRO B 132 -10.25 3.70 15.64
N ASP B 133 -9.82 3.07 16.69
CA ASP B 133 -10.58 3.17 17.93
C ASP B 133 -9.65 2.77 19.04
N ILE B 134 -10.23 2.58 20.22
CA ILE B 134 -9.45 2.41 21.43
C ILE B 134 -8.72 1.03 21.50
N THR B 135 -9.07 0.13 20.60
CA THR B 135 -8.48 -1.19 20.45
C THR B 135 -7.13 -1.23 19.75
N THR B 136 -6.44 -2.35 19.98
CA THR B 136 -5.08 -2.60 19.56
C THR B 136 -4.92 -2.93 18.05
N TYR B 137 -5.99 -3.18 17.30
CA TYR B 137 -5.76 -3.55 15.89
C TYR B 137 -5.24 -2.41 15.01
N LEU B 138 -4.45 -2.76 14.00
CA LEU B 138 -3.79 -1.80 13.10
C LEU B 138 -4.22 -1.90 11.66
N LEU B 139 -4.86 -3.03 11.34
CA LEU B 139 -5.30 -3.31 9.99
C LEU B 139 -6.61 -4.10 10.06
N GLY B 140 -7.64 -3.63 9.35
CA GLY B 140 -8.96 -4.20 9.45
C GLY B 140 -8.97 -5.52 8.67
N SER B 141 -9.94 -6.37 8.96
CA SER B 141 -10.03 -7.70 8.32
CA SER B 141 -9.98 -7.68 8.33
C SER B 141 -10.16 -7.64 6.82
N ASN B 142 -10.91 -6.66 6.30
CA ASN B 142 -11.09 -6.55 4.88
C ASN B 142 -9.84 -5.91 4.21
N ALA B 143 -9.23 -4.88 4.83
CA ALA B 143 -8.03 -4.24 4.29
C ALA B 143 -6.93 -5.29 4.22
N ALA B 144 -6.84 -6.12 5.26
CA ALA B 144 -5.77 -7.08 5.35
C ALA B 144 -5.90 -8.10 4.23
N ALA B 145 -7.10 -8.62 4.03
CA ALA B 145 -7.30 -9.63 2.98
C ALA B 145 -7.11 -9.00 1.59
N VAL B 146 -7.57 -7.78 1.40
CA VAL B 146 -7.41 -7.13 0.11
C VAL B 146 -5.97 -6.85 -0.25
N VAL B 147 -5.23 -6.25 0.69
CA VAL B 147 -3.82 -5.98 0.41
C VAL B 147 -3.05 -7.26 0.15
N ARG B 148 -3.38 -8.39 0.81
CA ARG B 148 -2.70 -9.61 0.65
C ARG B 148 -3.05 -10.30 -0.69
N HIS B 149 -4.33 -10.33 -1.05
CA HIS B 149 -4.83 -11.23 -2.12
C HIS B 149 -5.09 -10.58 -3.43
N ALA B 150 -5.09 -9.26 -3.48
CA ALA B 150 -5.28 -8.56 -4.75
C ALA B 150 -4.12 -8.86 -5.69
N GLU B 151 -4.43 -8.96 -6.97
CA GLU B 151 -3.42 -9.16 -7.96
C GLU B 151 -2.83 -7.87 -8.43
N CYS B 152 -3.48 -6.76 -8.12
CA CYS B 152 -2.98 -5.44 -8.49
C CYS B 152 -2.45 -4.65 -7.27
N SER B 153 -1.91 -3.47 -7.55
CA SER B 153 -1.46 -2.60 -6.47
C SER B 153 -2.58 -2.21 -5.55
N VAL B 154 -2.24 -2.02 -4.28
CA VAL B 154 -3.18 -1.64 -3.27
C VAL B 154 -2.64 -0.51 -2.41
N LEU B 155 -3.37 0.62 -2.41
CA LEU B 155 -3.03 1.76 -1.53
C LEU B 155 -3.87 1.67 -0.26
N VAL B 156 -3.18 1.52 0.87
CA VAL B 156 -3.80 1.39 2.18
C VAL B 156 -3.62 2.78 2.82
N VAL B 157 -4.76 3.48 2.97
CA VAL B 157 -4.73 4.87 3.37
C VAL B 157 -4.83 5.05 4.90
N ARG B 158 -3.93 5.83 5.39
CA ARG B 158 -3.93 6.37 6.81
C ARG B 158 -3.91 7.86 6.90
MG MG C . 13.02 -9.76 1.24
PG ATP D . 11.24 -12.31 2.34
O1G ATP D . 11.75 -13.44 1.47
O2G ATP D . 10.34 -12.48 3.51
O3G ATP D . 12.32 -11.22 2.58
PB ATP D . 10.37 -10.98 0.01
O1B ATP D . 11.89 -10.66 -0.25
O2B ATP D . 9.69 -11.72 -1.09
O3B ATP D . 10.14 -11.56 1.42
PA ATP D . 10.00 -8.34 1.06
O1A ATP D . 8.94 -8.11 2.06
O2A ATP D . 11.30 -8.54 1.74
O3A ATP D . 9.59 -9.56 0.07
O5' ATP D . 10.18 -7.17 0.03
C5' ATP D . 9.16 -6.24 -0.35
C4' ATP D . 9.75 -4.85 -0.36
O4' ATP D . 10.25 -4.51 0.95
C3' ATP D . 10.93 -4.63 -1.26
O3' ATP D . 10.52 -4.46 -2.55
C2' ATP D . 11.49 -3.36 -0.70
O2' ATP D . 10.71 -2.21 -0.98
C1' ATP D . 11.37 -3.60 0.79
N9 ATP D . 12.59 -4.28 1.26
C8 ATP D . 12.79 -5.59 1.46
N7 ATP D . 14.04 -5.80 1.94
C5 ATP D . 14.62 -4.59 2.04
C6 ATP D . 15.96 -4.08 2.40
N6 ATP D . 16.88 -4.94 2.81
N1 ATP D . 16.11 -2.76 2.42
C2 ATP D . 15.16 -1.87 2.00
N3 ATP D . 13.93 -2.27 1.61
C4 ATP D . 13.65 -3.60 1.60
CL CL E . -3.11 -5.71 13.78
CL CL F . 0.42 -15.11 1.79
C1 EDO G . 6.09 4.64 11.11
O1 EDO G . 6.68 3.39 11.23
C2 EDO G . 5.40 4.67 9.79
O2 EDO G . 4.50 5.73 9.73
C1 EDO H . 10.01 -15.33 -0.17
O1 EDO H . 10.20 -15.26 1.25
C2 EDO H . 9.27 -14.07 -0.66
O2 EDO H . 7.96 -13.88 -0.14
MG MG I . -15.11 -3.28 8.71
PG ATP J . -13.27 -5.29 10.77
O1G ATP J . -13.50 -5.04 12.20
O2G ATP J . -14.54 -5.07 9.71
O3G ATP J . -12.34 -6.44 10.80
PB ATP J . -12.47 -2.65 10.24
O1B ATP J . -13.99 -2.45 10.13
O2B ATP J . -11.72 -1.84 11.27
O3B ATP J . -12.11 -4.18 10.39
PA ATP J . -12.14 -2.95 7.42
O1A ATP J . -11.07 -3.82 6.88
O2A ATP J . -13.53 -3.51 7.52
O3A ATP J . -11.77 -2.26 8.91
O5' ATP J . -12.30 -1.64 6.54
C5' ATP J . -11.20 -1.19 5.76
C4' ATP J . -11.79 -0.80 4.42
O4' ATP J . -12.29 -1.93 3.68
C3' ATP J . -12.81 0.33 4.25
O3' ATP J . -12.17 1.61 4.23
C2' ATP J . -13.35 0.02 2.87
O2' ATP J . -12.44 0.52 1.85
C1' ATP J . -13.33 -1.49 2.78
N9 ATP J . -14.60 -2.03 3.34
C8 ATP J . -14.86 -2.43 4.57
N7 ATP J . -16.14 -2.87 4.69
C5 ATP J . -16.71 -2.72 3.48
C6 ATP J . -18.04 -2.96 2.89
N6 ATP J . -19.05 -3.42 3.67
N1 ATP J . -18.19 -2.65 1.65
C2 ATP J . -17.25 -2.15 0.84
N3 ATP J . -16.01 -1.93 1.29
C4 ATP J . -15.73 -2.15 2.59
C1 EDO K . -3.25 -10.97 5.83
O1 EDO K . -3.08 -10.06 6.91
C2 EDO K . -4.48 -10.90 4.95
O2 EDO K . -5.58 -11.73 5.26
#